data_5G4V
#
_entry.id   5G4V
#
_cell.length_a   118.650
_cell.length_b   70.640
_cell.length_c   92.820
_cell.angle_alpha   90.00
_cell.angle_beta   105.48
_cell.angle_gamma   90.00
#
_symmetry.space_group_name_H-M   'C 1 2 1'
#
loop_
_entity.id
_entity.type
_entity.pdbx_description
1 polymer HMKT-7
2 polymer '50S RIBOSOMAL PROTEIN L7AE'
#
loop_
_entity_poly.entity_id
_entity_poly.type
_entity_poly.pdbx_seq_one_letter_code
_entity_poly.pdbx_strand_id
1 'polyribonucleotide' GGCGAAGAGCCGGCGAGCC A,B,E,F
2 'polypeptide(L)'
;GPEASYVRFEVPEDMQNEALSLLEKVRESGKVKKGTNETTKAVERGLAKLVYIAEDVDPPEIVAHLPLLCEEKNVPYIYV
KSKNDLGRAVGIEVPCASAAIINEGELRKELGSLVEKIKGLQK
;
C,D,G,H
#
loop_
_chem_comp.id
_chem_comp.type
_chem_comp.name
_chem_comp.formula
A RNA linking ADENOSINE-5'-MONOPHOSPHATE 'C10 H14 N5 O7 P'
C RNA linking CYTIDINE-5'-MONOPHOSPHATE 'C9 H14 N3 O8 P'
G RNA linking GUANOSINE-5'-MONOPHOSPHATE 'C10 H14 N5 O8 P'
#
# COMPACT_ATOMS: atom_id res chain seq x y z
N SER C 5 23.11 27.26 20.51
CA SER C 5 21.69 27.37 20.17
C SER C 5 21.54 27.76 18.68
N TYR C 6 20.46 27.26 18.09
CA TYR C 6 20.02 27.46 16.70
C TYR C 6 19.26 28.76 16.42
N VAL C 7 18.92 29.57 17.42
CA VAL C 7 18.20 30.82 17.21
C VAL C 7 19.12 31.94 16.71
N ARG C 8 18.94 32.34 15.45
CA ARG C 8 19.86 33.27 14.79
C ARG C 8 19.52 34.72 15.06
N PHE C 9 18.26 35.04 15.38
CA PHE C 9 17.91 36.44 15.65
C PHE C 9 16.69 36.52 16.56
N GLU C 10 16.51 37.71 17.14
CA GLU C 10 15.43 38.04 18.08
C GLU C 10 14.20 38.61 17.39
N VAL C 11 13.03 38.10 17.75
CA VAL C 11 11.75 38.51 17.15
C VAL C 11 10.87 39.21 18.18
N PRO C 12 10.43 40.45 17.93
CA PRO C 12 9.54 41.17 18.86
C PRO C 12 8.27 40.39 19.16
N GLU C 13 7.78 40.53 20.40
CA GLU C 13 6.62 39.74 20.81
C GLU C 13 5.38 40.01 19.96
N ASP C 14 5.05 41.30 19.73
CA ASP C 14 3.87 41.63 18.91
C ASP C 14 3.96 41.10 17.48
N MET C 15 5.17 41.03 16.90
CA MET C 15 5.28 40.43 15.58
C MET C 15 5.04 38.93 15.66
N GLN C 16 5.44 38.32 16.79
CA GLN C 16 5.19 36.89 17.01
C GLN C 16 3.70 36.62 17.12
N ASN C 17 3.00 37.46 17.89
CA ASN C 17 1.56 37.33 18.03
C ASN C 17 0.91 37.46 16.66
N GLU C 18 1.34 38.44 15.88
CA GLU C 18 0.89 38.57 14.51
C GLU C 18 1.10 37.25 13.75
N ALA C 19 2.30 36.65 13.88
CA ALA C 19 2.60 35.40 13.18
C ALA C 19 1.68 34.25 13.60
N LEU C 20 1.44 34.07 14.91
CA LEU C 20 0.61 32.94 15.33
C LEU C 20 -0.85 33.16 14.99
N SER C 21 -1.34 34.40 15.14
CA SER C 21 -2.71 34.68 14.70
C SER C 21 -2.84 34.36 13.23
N LEU C 22 -1.89 34.82 12.42
CA LEU C 22 -1.93 34.53 11.00
C LEU C 22 -1.96 33.02 10.75
N LEU C 23 -1.13 32.27 11.46
CA LEU C 23 -1.11 30.82 11.27
C LEU C 23 -2.46 30.20 11.62
N GLU C 24 -3.02 30.58 12.78
CA GLU C 24 -4.38 30.16 13.14
C GLU C 24 -5.37 30.39 12.01
N LYS C 25 -5.44 31.62 11.49
CA LYS C 25 -6.41 31.90 10.44
C LYS C 25 -6.07 31.17 9.13
N VAL C 26 -4.79 31.02 8.81
CA VAL C 26 -4.40 30.32 7.59
C VAL C 26 -4.82 28.86 7.61
N ARG C 27 -4.69 28.18 8.75
CA ARG C 27 -5.19 26.80 8.86
C ARG C 27 -6.64 26.68 8.35
N GLU C 28 -7.42 27.75 8.48
CA GLU C 28 -8.82 27.72 8.06
C GLU C 28 -9.00 27.69 6.55
N SER C 29 -8.19 28.43 5.79
CA SER C 29 -8.43 28.50 4.36
C SER C 29 -7.23 28.15 3.50
N GLY C 30 -6.10 27.80 4.11
CA GLY C 30 -4.87 27.51 3.37
C GLY C 30 -4.40 26.11 3.71
N LYS C 31 -3.09 25.86 3.60
CA LYS C 31 -2.54 24.57 3.94
C LYS C 31 -1.29 24.80 4.77
N VAL C 32 -1.17 24.05 5.85
CA VAL C 32 -0.07 24.20 6.80
C VAL C 32 0.49 22.82 7.08
N LYS C 33 1.81 22.73 7.17
CA LYS C 33 2.51 21.54 7.63
C LYS C 33 2.92 21.75 9.08
N LYS C 34 2.82 20.67 9.86
CA LYS C 34 3.01 20.69 11.30
C LYS C 34 3.89 19.52 11.70
N GLY C 35 5.01 19.81 12.36
CA GLY C 35 5.97 18.82 12.74
C GLY C 35 7.23 19.01 11.93
N THR C 36 8.38 18.65 12.54
CA THR C 36 9.65 19.01 11.90
C THR C 36 9.84 18.23 10.61
N ASN C 37 9.44 16.95 10.59
CA ASN C 37 9.61 16.18 9.35
C ASN C 37 8.82 16.80 8.20
N GLU C 38 7.52 17.08 8.42
CA GLU C 38 6.73 17.64 7.34
C GLU C 38 7.27 19.00 6.93
N THR C 39 7.65 19.84 7.89
CA THR C 39 8.16 21.17 7.55
C THR C 39 9.45 21.06 6.72
N THR C 40 10.44 20.30 7.20
CA THR C 40 11.70 20.19 6.45
C THR C 40 11.47 19.64 5.05
N LYS C 41 10.68 18.57 4.91
CA LYS C 41 10.43 18.06 3.56
C LYS C 41 9.73 19.13 2.70
N ALA C 42 8.72 19.81 3.26
CA ALA C 42 8.07 20.89 2.51
C ALA C 42 9.08 21.96 2.07
N VAL C 43 10.05 22.30 2.92
CA VAL C 43 11.06 23.27 2.50
C VAL C 43 11.93 22.70 1.39
N GLU C 44 12.43 21.47 1.60
CA GLU C 44 13.27 20.78 0.62
C GLU C 44 12.57 20.57 -0.72
N ARG C 45 11.25 20.44 -0.73
CA ARG C 45 10.51 20.20 -1.97
C ARG C 45 10.21 21.51 -2.71
N GLY C 46 10.52 22.65 -2.08
CA GLY C 46 10.28 23.97 -2.63
C GLY C 46 8.89 24.51 -2.40
N LEU C 47 8.16 23.98 -1.40
CA LEU C 47 6.75 24.28 -1.24
C LEU C 47 6.46 25.30 -0.15
N ALA C 48 7.38 25.47 0.81
CA ALA C 48 7.11 26.27 1.99
C ALA C 48 7.06 27.77 1.71
N LYS C 49 5.99 28.43 2.17
CA LYS C 49 5.94 29.89 2.09
C LYS C 49 6.49 30.54 3.36
N LEU C 50 6.21 30.01 4.54
CA LEU C 50 6.82 30.60 5.72
C LEU C 50 6.90 29.51 6.78
N VAL C 51 8.06 29.29 7.38
CA VAL C 51 8.21 28.28 8.43
C VAL C 51 8.38 28.93 9.79
N TYR C 52 7.88 28.23 10.81
CA TYR C 52 7.92 28.69 12.19
C TYR C 52 8.84 27.76 12.95
N ILE C 53 9.74 28.31 13.75
CA ILE C 53 10.64 27.51 14.56
C ILE C 53 10.52 28.03 15.98
N ALA C 54 10.08 27.16 16.89
CA ALA C 54 9.97 27.48 18.31
C ALA C 54 11.34 27.70 18.94
N GLU C 55 11.37 28.56 19.96
CA GLU C 55 12.63 28.89 20.60
C GLU C 55 12.95 28.00 21.79
N ASP C 56 11.98 27.28 22.34
CA ASP C 56 12.25 26.48 23.54
C ASP C 56 12.35 25.00 23.19
N VAL C 57 12.97 24.67 22.07
CA VAL C 57 13.05 23.29 21.63
C VAL C 57 14.31 22.71 22.25
N ASP C 58 14.18 21.54 22.87
CA ASP C 58 15.33 20.89 23.46
C ASP C 58 15.16 19.40 23.28
N PRO C 59 16.23 18.70 22.88
CA PRO C 59 17.54 19.27 22.50
C PRO C 59 17.49 20.07 21.20
N PRO C 60 18.37 21.05 21.06
CA PRO C 60 18.27 21.97 19.92
C PRO C 60 18.34 21.26 18.58
N GLU C 61 19.05 20.14 18.52
CA GLU C 61 19.21 19.35 17.30
C GLU C 61 17.91 18.88 16.65
N ILE C 62 16.73 19.01 17.28
CA ILE C 62 15.51 18.65 16.56
C ILE C 62 15.32 19.58 15.36
N VAL C 63 15.54 20.87 15.58
CA VAL C 63 15.28 21.88 14.55
C VAL C 63 16.54 22.61 14.13
N ALA C 64 17.71 22.29 14.71
CA ALA C 64 18.89 23.09 14.43
C ALA C 64 19.30 23.10 12.97
N HIS C 65 18.91 22.08 12.19
CA HIS C 65 19.22 22.08 10.77
C HIS C 65 18.27 22.97 9.98
N LEU C 66 17.07 23.18 10.51
CA LEU C 66 16.01 23.85 9.77
C LEU C 66 16.44 25.25 9.31
N PRO C 67 17.00 26.12 10.18
CA PRO C 67 17.36 27.47 9.72
C PRO C 67 18.27 27.51 8.50
N LEU C 68 19.31 26.67 8.43
CA LEU C 68 20.23 26.80 7.31
C LEU C 68 19.62 26.34 6.00
N LEU C 69 18.90 25.21 6.03
CA LEU C 69 18.19 24.79 4.83
C LEU C 69 17.22 25.89 4.39
N CYS C 70 16.51 26.51 5.33
CA CYS C 70 15.62 27.61 4.95
C CYS C 70 16.41 28.75 4.31
N GLU C 71 17.61 29.06 4.82
CA GLU C 71 18.43 30.10 4.20
C GLU C 71 18.83 29.73 2.78
N GLU C 72 19.30 28.50 2.58
CA GLU C 72 19.72 28.05 1.26
C GLU C 72 18.58 28.09 0.25
N LYS C 73 17.34 27.83 0.68
CA LYS C 73 16.20 27.84 -0.24
C LYS C 73 15.49 29.19 -0.31
N ASN C 74 15.99 30.23 0.36
CA ASN C 74 15.37 31.55 0.39
C ASN C 74 13.90 31.52 0.80
N VAL C 75 13.61 30.89 1.93
CA VAL C 75 12.27 30.74 2.45
C VAL C 75 12.29 31.46 3.79
N PRO C 76 11.43 32.45 4.00
CA PRO C 76 11.44 33.17 5.28
C PRO C 76 10.99 32.30 6.43
N TYR C 77 11.67 32.46 7.56
CA TYR C 77 11.32 31.73 8.78
C TYR C 77 11.29 32.69 9.95
N ILE C 78 10.43 32.38 10.93
CA ILE C 78 10.27 33.18 12.14
C ILE C 78 10.33 32.30 13.37
N TYR C 79 10.75 32.90 14.48
CA TYR C 79 10.84 32.24 15.78
C TYR C 79 9.65 32.64 16.65
N VAL C 80 9.16 31.68 17.45
CA VAL C 80 8.10 31.88 18.43
C VAL C 80 8.55 31.31 19.76
N LYS C 81 8.10 31.96 20.85
CA LYS C 81 8.61 31.63 22.19
C LYS C 81 8.57 30.13 22.48
N SER C 82 7.36 29.55 22.44
CA SER C 82 7.09 28.23 22.98
C SER C 82 6.49 27.27 21.96
N LYS C 83 6.88 25.99 22.07
CA LYS C 83 6.35 24.95 21.22
C LYS C 83 4.88 24.73 21.49
N ASN C 84 4.44 25.14 22.68
CA ASN C 84 3.05 25.09 23.07
C ASN C 84 2.21 26.05 22.23
N ASP C 85 2.63 27.32 22.15
CA ASP C 85 1.93 28.28 21.30
C ASP C 85 1.84 27.82 19.86
N LEU C 86 2.96 27.33 19.31
CA LEU C 86 2.96 26.86 17.92
C LEU C 86 2.03 25.67 17.76
N GLY C 87 2.04 24.77 18.75
CA GLY C 87 1.15 23.61 18.72
C GLY C 87 -0.31 24.01 18.74
N ARG C 88 -0.63 25.03 19.55
CA ARG C 88 -1.99 25.56 19.61
C ARG C 88 -2.40 26.18 18.30
N ALA C 89 -1.49 26.95 17.69
CA ALA C 89 -1.79 27.60 16.43
C ALA C 89 -2.02 26.61 15.31
N VAL C 90 -1.27 25.51 15.26
CA VAL C 90 -1.62 24.55 14.22
C VAL C 90 -2.73 23.60 14.64
N GLY C 91 -3.18 23.66 15.90
CA GLY C 91 -4.40 22.94 16.29
C GLY C 91 -4.21 21.44 16.34
N ILE C 92 -3.06 20.95 16.79
CA ILE C 92 -2.90 19.52 17.07
C ILE C 92 -2.79 18.89 18.48
N GLU C 93 -3.43 19.49 19.47
CA GLU C 93 -3.35 19.12 20.90
C GLU C 93 -1.99 18.80 21.52
N VAL C 94 -0.86 18.92 20.82
CA VAL C 94 0.40 18.57 21.49
C VAL C 94 1.39 19.68 21.15
N PRO C 95 2.55 19.78 21.82
CA PRO C 95 3.49 20.83 21.41
C PRO C 95 3.98 20.58 19.99
N CYS C 96 4.56 21.62 19.38
CA CYS C 96 4.93 21.51 17.98
C CYS C 96 6.19 22.37 17.79
N ALA C 97 7.26 21.71 17.36
CA ALA C 97 8.58 22.33 17.31
C ALA C 97 8.77 23.27 16.13
N SER C 98 8.05 23.03 15.04
CA SER C 98 8.17 23.84 13.84
C SER C 98 6.96 23.59 12.96
N ALA C 99 6.67 24.57 12.10
CA ALA C 99 5.51 24.48 11.22
C ALA C 99 5.80 25.24 9.94
N ALA C 100 4.82 25.22 9.02
CA ALA C 100 5.01 25.97 7.79
C ALA C 100 3.67 26.26 7.16
N ILE C 101 3.56 27.47 6.62
CA ILE C 101 2.50 27.81 5.72
C ILE C 101 2.98 27.43 4.32
N ILE C 102 2.19 26.59 3.64
CA ILE C 102 2.43 26.10 2.29
C ILE C 102 1.55 26.85 1.32
N ASN C 103 0.33 27.21 1.75
CA ASN C 103 -0.58 27.94 0.89
C ASN C 103 -1.27 29.01 1.72
N GLU C 104 -1.16 30.26 1.27
CA GLU C 104 -1.61 31.39 2.05
C GLU C 104 -3.10 31.59 1.96
N GLY C 105 -3.77 30.84 1.09
CA GLY C 105 -5.20 30.95 0.85
C GLY C 105 -5.63 32.36 0.49
N GLU C 106 -6.58 32.88 1.26
CA GLU C 106 -7.14 34.22 1.06
C GLU C 106 -6.40 35.30 1.83
N LEU C 107 -5.27 34.97 2.44
CA LEU C 107 -4.56 35.88 3.34
C LEU C 107 -3.29 36.37 2.66
N ARG C 108 -3.46 36.64 1.36
CA ARG C 108 -2.42 37.25 0.53
CA ARG C 108 -2.41 37.24 0.54
C ARG C 108 -1.73 38.39 1.26
N LYS C 109 -2.51 39.44 1.56
CA LYS C 109 -1.96 40.71 2.03
C LYS C 109 -1.32 40.57 3.42
N GLU C 110 -1.99 39.86 4.33
CA GLU C 110 -1.46 39.71 5.67
C GLU C 110 -0.14 38.95 5.67
N LEU C 111 -0.07 37.88 4.88
CA LEU C 111 1.18 37.14 4.79
C LEU C 111 2.26 38.04 4.19
N GLY C 112 1.92 38.79 3.14
CA GLY C 112 2.92 39.63 2.51
C GLY C 112 3.50 40.66 3.47
N SER C 113 2.63 41.35 4.20
CA SER C 113 3.13 42.34 5.16
C SER C 113 4.01 41.67 6.22
N LEU C 114 3.57 40.53 6.76
CA LEU C 114 4.40 39.84 7.73
C LEU C 114 5.78 39.50 7.17
N VAL C 115 5.85 38.93 5.96
CA VAL C 115 7.17 38.54 5.43
C VAL C 115 8.04 39.76 5.17
N GLU C 116 7.46 40.88 4.75
CA GLU C 116 8.28 42.07 4.63
C GLU C 116 8.86 42.41 5.99
N LYS C 117 8.06 42.21 7.04
CA LYS C 117 8.55 42.56 8.36
C LYS C 117 9.68 41.63 8.83
N ILE C 118 9.58 40.31 8.55
CA ILE C 118 10.71 39.44 8.85
C ILE C 118 11.98 39.81 8.09
N LYS C 119 11.89 39.97 6.77
CA LYS C 119 13.12 40.37 6.08
C LYS C 119 13.65 41.72 6.57
N GLY C 120 12.78 42.64 7.00
CA GLY C 120 13.30 43.92 7.44
C GLY C 120 14.19 43.87 8.67
N LEU C 121 14.04 42.87 9.52
CA LEU C 121 14.91 42.71 10.69
C LEU C 121 16.28 42.13 10.32
N SER D 5 -9.94 -27.05 6.85
CA SER D 5 -8.50 -26.84 6.88
C SER D 5 -8.04 -26.15 5.59
N TYR D 6 -6.99 -25.33 5.70
CA TYR D 6 -6.42 -24.65 4.54
C TYR D 6 -5.48 -25.56 3.76
N VAL D 7 -5.22 -26.75 4.30
CA VAL D 7 -4.38 -27.77 3.70
C VAL D 7 -5.17 -28.46 2.60
N ARG D 8 -4.76 -28.23 1.36
CA ARG D 8 -5.50 -28.62 0.17
C ARG D 8 -5.21 -30.07 -0.22
N PHE D 9 -4.07 -30.61 0.22
CA PHE D 9 -3.69 -31.98 -0.07
C PHE D 9 -2.76 -32.48 1.03
N GLU D 10 -2.63 -33.81 1.10
CA GLU D 10 -1.81 -34.46 2.10
C GLU D 10 -0.41 -34.67 1.56
N VAL D 11 0.60 -34.34 2.35
CA VAL D 11 1.97 -34.49 1.89
C VAL D 11 2.64 -35.57 2.74
N PRO D 12 3.15 -36.63 2.12
CA PRO D 12 3.82 -37.69 2.87
C PRO D 12 4.97 -37.15 3.70
N GLU D 13 5.18 -37.77 4.86
CA GLU D 13 6.21 -37.27 5.78
C GLU D 13 7.57 -37.28 5.08
N ASP D 14 7.90 -38.37 4.39
CA ASP D 14 9.18 -38.44 3.68
C ASP D 14 9.33 -37.34 2.63
N MET D 15 8.24 -36.91 1.98
CA MET D 15 8.39 -35.78 1.07
C MET D 15 8.65 -34.52 1.86
N GLN D 16 8.08 -34.43 3.06
CA GLN D 16 8.35 -33.25 3.88
C GLN D 16 9.81 -33.19 4.24
N ASN D 17 10.37 -34.31 4.70
CA ASN D 17 11.79 -34.34 5.02
C ASN D 17 12.67 -34.05 3.82
N GLU D 18 12.43 -34.67 2.66
CA GLU D 18 13.19 -34.29 1.48
C GLU D 18 13.09 -32.79 1.20
N ALA D 19 11.88 -32.24 1.25
CA ALA D 19 11.70 -30.82 0.98
C ALA D 19 12.48 -29.94 1.96
N LEU D 20 12.45 -30.25 3.25
CA LEU D 20 13.15 -29.37 4.19
C LEU D 20 14.66 -29.53 4.08
N SER D 21 15.16 -30.75 3.89
CA SER D 21 16.60 -30.93 3.67
C SER D 21 17.08 -30.16 2.44
N LEU D 22 16.36 -30.32 1.31
CA LEU D 22 16.76 -29.60 0.11
C LEU D 22 16.76 -28.10 0.38
N LEU D 23 15.74 -27.60 1.07
CA LEU D 23 15.64 -26.18 1.40
C LEU D 23 16.84 -25.73 2.24
N GLU D 24 17.16 -26.51 3.27
CA GLU D 24 18.35 -26.32 4.08
C GLU D 24 19.60 -26.11 3.23
N LYS D 25 19.88 -27.03 2.32
CA LYS D 25 21.08 -26.89 1.50
C LYS D 25 20.97 -25.72 0.51
N VAL D 26 19.77 -25.46 0.00
CA VAL D 26 19.54 -24.38 -0.96
C VAL D 26 19.87 -23.00 -0.39
N ARG D 27 19.55 -22.74 0.88
CA ARG D 27 19.97 -21.44 1.46
C ARG D 27 21.43 -21.10 1.17
N GLU D 28 22.28 -22.11 1.06
CA GLU D 28 23.71 -21.92 0.85
C GLU D 28 24.07 -21.43 -0.54
N SER D 29 23.40 -21.92 -1.58
CA SER D 29 23.80 -21.51 -2.92
C SER D 29 22.66 -20.95 -3.72
N GLY D 30 21.46 -20.85 -3.15
CA GLY D 30 20.37 -20.34 -3.95
C GLY D 30 19.86 -19.16 -3.15
N LYS D 31 18.60 -18.79 -3.33
CA LYS D 31 18.12 -17.69 -2.51
C LYS D 31 16.72 -18.09 -2.04
N VAL D 32 16.45 -17.80 -0.77
CA VAL D 32 15.23 -18.21 -0.11
C VAL D 32 14.65 -16.95 0.54
N LYS D 33 13.35 -16.82 0.43
CA LYS D 33 12.60 -15.80 1.13
C LYS D 33 11.98 -16.47 2.35
N LYS D 34 11.97 -15.76 3.47
CA LYS D 34 11.56 -16.36 4.74
C LYS D 34 10.58 -15.43 5.45
N GLY D 35 9.40 -15.94 5.72
CA GLY D 35 8.26 -15.28 6.34
C GLY D 35 7.15 -15.07 5.33
N THR D 36 5.91 -15.10 5.79
CA THR D 36 4.79 -15.12 4.86
C THR D 36 4.72 -13.81 4.10
N ASN D 37 5.04 -12.70 4.76
CA ASN D 37 4.96 -11.42 4.09
C ASN D 37 5.92 -11.41 2.89
N GLU D 38 7.18 -11.77 3.11
CA GLU D 38 8.13 -11.78 1.99
C GLU D 38 7.74 -12.82 0.94
N THR D 39 7.39 -14.03 1.37
CA THR D 39 7.05 -15.10 0.42
C THR D 39 5.83 -14.75 -0.42
N THR D 40 4.73 -14.36 0.21
CA THR D 40 3.55 -14.03 -0.59
C THR D 40 3.87 -12.94 -1.60
N LYS D 41 4.56 -11.87 -1.17
CA LYS D 41 4.87 -10.85 -2.16
C LYS D 41 5.75 -11.41 -3.28
N ALA D 42 6.80 -12.18 -2.93
CA ALA D 42 7.62 -12.80 -3.98
C ALA D 42 6.86 -13.70 -4.95
N VAL D 43 5.91 -14.51 -4.46
CA VAL D 43 5.13 -15.34 -5.39
C VAL D 43 4.27 -14.45 -6.27
N GLU D 44 3.56 -13.51 -5.64
CA GLU D 44 2.71 -12.58 -6.37
C GLU D 44 3.53 -11.82 -7.39
N ARG D 45 4.82 -11.60 -7.13
CA ARG D 45 5.62 -10.84 -8.07
C ARG D 45 6.09 -11.74 -9.22
N GLY D 46 5.82 -13.04 -9.11
CA GLY D 46 6.17 -14.07 -10.06
C GLY D 46 7.55 -14.69 -10.01
N LEU D 47 8.29 -14.55 -8.92
CA LEU D 47 9.68 -14.97 -8.92
C LEU D 47 9.88 -16.33 -8.25
N ALA D 48 8.92 -16.70 -7.40
CA ALA D 48 9.04 -17.89 -6.55
C ALA D 48 8.91 -19.16 -7.38
N LYS D 49 9.86 -20.08 -7.21
CA LYS D 49 9.72 -21.38 -7.83
C LYS D 49 9.00 -22.38 -6.94
N LEU D 50 9.23 -22.35 -5.62
CA LEU D 50 8.48 -23.28 -4.79
C LEU D 50 8.33 -22.73 -3.38
N VAL D 51 7.09 -22.73 -2.86
CA VAL D 51 6.77 -22.25 -1.51
C VAL D 51 6.41 -23.37 -0.54
N TYR D 52 6.73 -23.12 0.74
CA TYR D 52 6.52 -24.03 1.86
C TYR D 52 5.48 -23.40 2.78
N ILE D 53 4.50 -24.19 3.21
CA ILE D 53 3.44 -23.73 4.12
C ILE D 53 3.36 -24.68 5.31
N ALA D 54 3.60 -24.15 6.51
CA ALA D 54 3.46 -24.99 7.71
C ALA D 54 2.00 -25.38 7.94
N GLU D 55 1.79 -26.56 8.52
CA GLU D 55 0.43 -27.02 8.72
C GLU D 55 -0.13 -26.64 10.08
N ASP D 56 0.74 -26.28 11.03
CA ASP D 56 0.35 -25.98 12.40
C ASP D 56 0.38 -24.48 12.66
N VAL D 57 -0.08 -23.69 11.70
CA VAL D 57 -0.06 -22.24 11.78
C VAL D 57 -1.34 -21.76 12.43
N ASP D 58 -1.20 -20.86 13.40
CA ASP D 58 -2.37 -20.31 14.07
C ASP D 58 -2.20 -18.83 14.41
N PRO D 59 -3.26 -18.03 14.15
CA PRO D 59 -4.52 -18.40 13.47
C PRO D 59 -4.33 -18.68 11.97
N PRO D 60 -5.17 -19.56 11.40
CA PRO D 60 -4.93 -20.00 10.01
C PRO D 60 -4.95 -18.86 9.00
N GLU D 61 -5.70 -17.80 9.26
CA GLU D 61 -5.79 -16.66 8.34
C GLU D 61 -4.44 -16.01 8.05
N ILE D 62 -3.38 -16.36 8.77
CA ILE D 62 -2.05 -15.84 8.44
C ILE D 62 -1.60 -16.33 7.08
N VAL D 63 -1.80 -17.62 6.80
CA VAL D 63 -1.30 -18.24 5.56
C VAL D 63 -2.43 -18.73 4.67
N ALA D 64 -3.69 -18.59 5.08
CA ALA D 64 -4.79 -19.20 4.33
C ALA D 64 -4.91 -18.69 2.91
N HIS D 65 -4.37 -17.51 2.61
CA HIS D 65 -4.43 -16.99 1.24
C HIS D 65 -3.38 -17.62 0.32
N LEU D 66 -2.27 -18.12 0.87
CA LEU D 66 -1.16 -18.57 0.02
C LEU D 66 -1.51 -19.65 -0.99
N PRO D 67 -2.15 -20.77 -0.63
CA PRO D 67 -2.39 -21.83 -1.64
C PRO D 67 -3.08 -21.33 -2.90
N LEU D 68 -4.13 -20.53 -2.73
CA LEU D 68 -4.90 -20.08 -3.88
C LEU D 68 -4.12 -19.06 -4.69
N LEU D 69 -3.43 -18.13 -4.00
CA LEU D 69 -2.56 -17.19 -4.71
C LEU D 69 -1.52 -17.94 -5.54
N CYS D 70 -0.90 -18.97 -4.96
CA CYS D 70 0.08 -19.77 -5.70
C CYS D 70 -0.56 -20.42 -6.91
N GLU D 71 -1.80 -20.90 -6.77
CA GLU D 71 -2.51 -21.45 -7.92
C GLU D 71 -2.74 -20.37 -8.97
N GLU D 72 -3.18 -19.18 -8.54
CA GLU D 72 -3.41 -18.09 -9.49
C GLU D 72 -2.15 -17.73 -10.23
N LYS D 73 -1.00 -17.81 -9.54
CA LYS D 73 0.27 -17.47 -10.16
C LYS D 73 0.99 -18.69 -10.72
N ASN D 74 0.33 -19.86 -10.72
CA ASN D 74 0.93 -21.11 -11.20
C ASN D 74 2.27 -21.42 -10.54
N VAL D 75 2.26 -21.43 -9.21
CA VAL D 75 3.46 -21.66 -8.42
C VAL D 75 3.25 -22.94 -7.62
N PRO D 76 4.10 -23.95 -7.75
CA PRO D 76 3.92 -25.18 -6.97
C PRO D 76 4.19 -24.92 -5.51
N TYR D 77 3.35 -25.51 -4.65
CA TYR D 77 3.53 -25.39 -3.20
C TYR D 77 3.41 -26.72 -2.48
N ILE D 78 4.12 -26.83 -1.37
CA ILE D 78 4.14 -28.02 -0.54
C ILE D 78 3.92 -27.65 0.93
N TYR D 79 3.34 -28.60 1.68
CA TYR D 79 3.07 -28.48 3.12
C TYR D 79 4.11 -29.25 3.94
N VAL D 80 4.45 -28.69 5.12
CA VAL D 80 5.32 -29.33 6.09
C VAL D 80 4.63 -29.24 7.46
N LYS D 81 4.85 -30.26 8.30
CA LYS D 81 4.10 -30.39 9.56
C LYS D 81 4.12 -29.10 10.37
N SER D 82 5.30 -28.65 10.75
CA SER D 82 5.46 -27.63 11.76
C SER D 82 6.24 -26.42 11.29
N LYS D 83 5.82 -25.25 11.79
CA LYS D 83 6.51 -24.01 11.48
C LYS D 83 7.89 -24.01 12.11
N ASN D 84 8.09 -24.85 13.14
CA ASN D 84 9.39 -25.06 13.77
C ASN D 84 10.37 -25.71 12.80
N ASP D 85 9.96 -26.82 12.16
CA ASP D 85 10.83 -27.46 11.17
C ASP D 85 11.18 -26.49 10.07
N LEU D 86 10.18 -25.76 9.57
CA LEU D 86 10.43 -24.80 8.50
C LEU D 86 11.37 -23.69 8.97
N GLY D 87 11.19 -23.20 10.20
CA GLY D 87 12.07 -22.17 10.72
C GLY D 87 13.51 -22.59 10.86
N ARG D 88 13.76 -23.81 11.34
CA ARG D 88 15.14 -24.29 11.41
C ARG D 88 15.72 -24.48 10.01
N ALA D 89 14.92 -25.03 9.08
CA ALA D 89 15.41 -25.26 7.74
C ALA D 89 15.75 -23.95 7.03
N VAL D 90 14.95 -22.90 7.26
CA VAL D 90 15.30 -21.60 6.66
C VAL D 90 16.32 -20.87 7.52
N GLY D 91 16.71 -21.44 8.66
CA GLY D 91 17.83 -20.93 9.43
C GLY D 91 17.62 -19.64 10.19
N ILE D 92 16.43 -19.44 10.74
CA ILE D 92 16.20 -18.37 11.71
C ILE D 92 16.02 -18.97 13.10
N GLU D 93 15.88 -18.11 14.10
CA GLU D 93 15.88 -18.54 15.49
C GLU D 93 14.46 -18.58 16.05
N VAL D 94 13.46 -18.36 15.20
CA VAL D 94 12.05 -18.35 15.60
C VAL D 94 11.25 -19.16 14.59
N PRO D 95 9.99 -19.50 14.90
CA PRO D 95 9.17 -20.24 13.92
C PRO D 95 8.92 -19.42 12.66
N CYS D 96 8.47 -20.12 11.61
CA CYS D 96 8.28 -19.49 10.30
C CYS D 96 7.11 -20.16 9.61
N ALA D 97 6.07 -19.37 9.28
CA ALA D 97 4.81 -19.92 8.77
C ALA D 97 4.89 -20.33 7.30
N SER D 98 5.78 -19.72 6.50
CA SER D 98 5.89 -20.06 5.08
C SER D 98 7.22 -19.53 4.56
N ALA D 99 7.69 -20.14 3.47
CA ALA D 99 8.97 -19.74 2.89
C ALA D 99 8.94 -20.02 1.40
N ALA D 100 10.03 -19.68 0.70
CA ALA D 100 10.06 -19.98 -0.72
C ALA D 100 11.47 -20.03 -1.26
N ILE D 101 11.72 -20.99 -2.15
CA ILE D 101 12.91 -20.98 -2.98
C ILE D 101 12.54 -20.17 -4.22
N ILE D 102 13.29 -19.11 -4.48
CA ILE D 102 13.02 -18.30 -5.67
C ILE D 102 14.07 -18.60 -6.75
N ASN D 103 15.29 -18.92 -6.34
CA ASN D 103 16.36 -19.24 -7.29
C ASN D 103 17.04 -20.47 -6.68
N GLU D 104 17.14 -21.50 -7.50
CA GLU D 104 17.53 -22.86 -7.17
C GLU D 104 19.02 -23.05 -6.97
N GLY D 105 19.83 -22.03 -7.26
CA GLY D 105 21.26 -22.21 -7.14
C GLY D 105 21.73 -23.38 -7.96
N GLU D 106 22.39 -24.34 -7.32
CA GLU D 106 22.92 -25.51 -8.01
C GLU D 106 21.95 -26.70 -8.07
N LEU D 107 20.68 -26.56 -7.66
CA LEU D 107 19.77 -27.70 -7.56
C LEU D 107 18.66 -27.76 -8.61
N ARG D 108 18.93 -27.34 -9.84
CA ARG D 108 17.85 -27.23 -10.84
CA ARG D 108 17.85 -27.23 -10.83
C ARG D 108 17.07 -28.53 -10.97
N LYS D 109 17.78 -29.65 -11.20
CA LYS D 109 17.09 -30.92 -11.41
C LYS D 109 16.34 -31.36 -10.16
N GLU D 110 16.96 -31.20 -8.98
CA GLU D 110 16.32 -31.65 -7.74
C GLU D 110 15.04 -30.88 -7.49
N LEU D 111 15.05 -29.56 -7.71
CA LEU D 111 13.83 -28.79 -7.54
C LEU D 111 12.78 -29.25 -8.55
N GLY D 112 13.19 -29.47 -9.80
CA GLY D 112 12.23 -29.89 -10.81
C GLY D 112 11.57 -31.22 -10.47
N SER D 113 12.39 -32.21 -10.06
CA SER D 113 11.87 -33.51 -9.69
C SER D 113 10.93 -33.42 -8.50
N LEU D 114 11.32 -32.64 -7.48
CA LEU D 114 10.44 -32.43 -6.33
C LEU D 114 9.10 -31.89 -6.80
N VAL D 115 9.13 -30.89 -7.68
CA VAL D 115 7.86 -30.31 -8.12
C VAL D 115 7.03 -31.31 -8.93
N GLU D 116 7.66 -32.17 -9.73
CA GLU D 116 6.87 -33.20 -10.40
C GLU D 116 6.20 -34.14 -9.41
N LYS D 117 6.91 -34.50 -8.34
CA LYS D 117 6.32 -35.44 -7.38
C LYS D 117 5.18 -34.76 -6.63
N ILE D 118 5.32 -33.47 -6.31
CA ILE D 118 4.22 -32.69 -5.73
C ILE D 118 3.01 -32.71 -6.67
N LYS D 119 3.22 -32.42 -7.96
CA LYS D 119 2.10 -32.51 -8.90
C LYS D 119 1.48 -33.90 -8.90
N GLY D 120 2.28 -34.93 -8.63
CA GLY D 120 1.79 -36.30 -8.62
C GLY D 120 0.72 -36.57 -7.56
N LEU D 121 0.66 -35.75 -6.52
CA LEU D 121 -0.33 -35.87 -5.46
C LEU D 121 -1.70 -35.36 -5.88
N SER G 5 10.74 26.73 -4.97
CA SER G 5 10.01 26.26 -6.15
C SER G 5 10.40 24.81 -6.40
N TYR G 6 9.50 23.98 -6.93
CA TYR G 6 9.93 22.62 -7.17
C TYR G 6 10.72 22.49 -8.47
N VAL G 7 10.76 23.53 -9.28
CA VAL G 7 11.52 23.55 -10.53
C VAL G 7 12.99 23.79 -10.16
N ARG G 8 13.81 22.77 -10.36
CA ARG G 8 15.18 22.78 -9.86
C ARG G 8 16.17 23.46 -10.79
N PHE G 9 15.89 23.55 -12.09
CA PHE G 9 16.81 24.20 -13.02
C PHE G 9 16.04 24.74 -14.22
N GLU G 10 16.72 25.63 -14.95
CA GLU G 10 16.16 26.27 -16.14
C GLU G 10 16.49 25.43 -17.36
N VAL G 11 15.49 25.20 -18.19
CA VAL G 11 15.60 24.37 -19.39
C VAL G 11 15.44 25.25 -20.63
N PRO G 12 16.41 25.25 -21.54
CA PRO G 12 16.30 26.06 -22.77
C PRO G 12 15.04 25.73 -23.57
N GLU G 13 14.47 26.76 -24.18
CA GLU G 13 13.22 26.60 -24.93
C GLU G 13 13.39 25.59 -26.07
N ASP G 14 14.47 25.75 -26.85
CA ASP G 14 14.71 24.85 -27.96
C ASP G 14 14.86 23.42 -27.49
N MET G 15 15.43 23.22 -26.30
CA MET G 15 15.51 21.89 -25.73
C MET G 15 14.16 21.36 -25.30
N GLN G 16 13.28 22.25 -24.85
CA GLN G 16 11.94 21.82 -24.47
C GLN G 16 11.18 21.31 -25.69
N ASN G 17 11.23 22.06 -26.79
CA ASN G 17 10.60 21.62 -28.03
C ASN G 17 11.20 20.33 -28.58
N GLU G 18 12.54 20.22 -28.65
CA GLU G 18 13.12 18.94 -29.07
C GLU G 18 12.61 17.78 -28.22
N ALA G 19 12.61 17.97 -26.89
CA ALA G 19 12.15 16.91 -26.00
C ALA G 19 10.71 16.51 -26.26
N LEU G 20 9.83 17.48 -26.48
CA LEU G 20 8.41 17.13 -26.67
C LEU G 20 8.20 16.44 -28.01
N SER G 21 8.90 16.89 -29.05
CA SER G 21 8.84 16.18 -30.33
C SER G 21 9.26 14.72 -30.15
N LEU G 22 10.38 14.48 -29.47
CA LEU G 22 10.78 13.08 -29.29
C LEU G 22 9.70 12.28 -28.57
N LEU G 23 9.07 12.81 -27.51
CA LEU G 23 8.02 11.99 -26.87
C LEU G 23 6.90 11.67 -27.85
N GLU G 24 6.41 12.67 -28.59
CA GLU G 24 5.43 12.36 -29.62
C GLU G 24 5.88 11.16 -30.45
N LYS G 25 7.08 11.18 -31.03
CA LYS G 25 7.44 10.02 -31.84
C LYS G 25 7.65 8.73 -31.05
N VAL G 26 8.22 8.78 -29.83
CA VAL G 26 8.44 7.54 -29.05
C VAL G 26 7.12 6.87 -28.68
N ARG G 27 6.09 7.65 -28.31
CA ARG G 27 4.79 7.06 -28.04
C ARG G 27 4.37 6.11 -29.15
N GLU G 28 4.81 6.37 -30.38
CA GLU G 28 4.46 5.54 -31.52
C GLU G 28 5.19 4.19 -31.52
N SER G 29 6.48 4.18 -31.16
CA SER G 29 7.26 2.94 -31.24
C SER G 29 7.98 2.53 -29.96
N GLY G 30 7.82 3.27 -28.88
CA GLY G 30 8.51 2.96 -27.64
C GLY G 30 7.43 2.82 -26.59
N LYS G 31 7.74 3.06 -25.32
CA LYS G 31 6.72 2.98 -24.29
C LYS G 31 6.85 4.19 -23.37
N VAL G 32 5.70 4.80 -23.07
CA VAL G 32 5.61 6.02 -22.29
C VAL G 32 4.53 5.83 -21.23
N LYS G 33 4.82 6.32 -20.04
CA LYS G 33 3.94 6.47 -18.90
C LYS G 33 3.46 7.92 -18.80
N LYS G 34 2.19 8.07 -18.40
CA LYS G 34 1.51 9.35 -18.45
C LYS G 34 0.85 9.58 -17.10
N GLY G 35 1.20 10.68 -16.45
CA GLY G 35 0.63 10.93 -15.15
C GLY G 35 1.66 10.76 -14.04
N THR G 36 1.49 11.53 -12.96
CA THR G 36 2.54 11.58 -11.96
C THR G 36 2.65 10.24 -11.24
N ASN G 37 1.52 9.59 -10.98
CA ASN G 37 1.58 8.30 -10.28
C ASN G 37 2.35 7.29 -11.12
N GLU G 38 2.02 7.14 -12.40
CA GLU G 38 2.77 6.20 -13.22
C GLU G 38 4.22 6.61 -13.33
N THR G 39 4.50 7.90 -13.53
CA THR G 39 5.89 8.32 -13.69
C THR G 39 6.73 8.01 -12.45
N THR G 40 6.26 8.43 -11.28
CA THR G 40 6.99 8.18 -10.02
C THR G 40 7.17 6.68 -9.82
N LYS G 41 6.10 5.94 -10.06
CA LYS G 41 6.15 4.50 -9.90
C LYS G 41 7.20 3.90 -10.85
N ALA G 42 7.19 4.35 -12.11
CA ALA G 42 8.19 3.92 -13.09
C ALA G 42 9.63 4.24 -12.66
N VAL G 43 9.86 5.44 -12.09
CA VAL G 43 11.20 5.79 -11.64
C VAL G 43 11.65 4.90 -10.48
N GLU G 44 10.78 4.73 -9.46
CA GLU G 44 11.16 3.88 -8.32
C GLU G 44 11.48 2.46 -8.74
N ARG G 45 10.86 1.96 -9.80
CA ARG G 45 11.06 0.59 -10.24
C ARG G 45 12.30 0.43 -11.11
N GLY G 46 12.93 1.55 -11.47
CA GLY G 46 14.11 1.59 -12.30
C GLY G 46 13.92 1.57 -13.79
N LEU G 47 12.72 1.88 -14.29
CA LEU G 47 12.47 1.69 -15.72
C LEU G 47 12.56 2.98 -16.50
N ALA G 48 12.44 4.12 -15.83
CA ALA G 48 12.34 5.37 -16.56
C ALA G 48 13.71 5.68 -17.14
N LYS G 49 13.73 5.98 -18.43
CA LYS G 49 14.94 6.42 -19.08
C LYS G 49 15.00 7.92 -19.02
N LEU G 50 13.86 8.58 -19.18
CA LEU G 50 13.86 10.05 -19.05
C LEU G 50 12.47 10.48 -18.61
N VAL G 51 12.38 11.29 -17.56
CA VAL G 51 11.08 11.78 -17.10
C VAL G 51 10.92 13.26 -17.41
N TYR G 52 9.67 13.64 -17.66
CA TYR G 52 9.25 14.98 -18.02
C TYR G 52 8.36 15.56 -16.91
N ILE G 53 8.62 16.80 -16.51
CA ILE G 53 7.82 17.49 -15.48
C ILE G 53 7.38 18.85 -16.00
N ALA G 54 6.06 19.05 -16.08
CA ALA G 54 5.50 20.33 -16.50
C ALA G 54 5.83 21.42 -15.47
N GLU G 55 5.95 22.65 -15.96
CA GLU G 55 6.33 23.77 -15.10
C GLU G 55 5.14 24.50 -14.50
N ASP G 56 3.93 24.33 -15.05
CA ASP G 56 2.75 25.05 -14.61
C ASP G 56 1.84 24.17 -13.78
N VAL G 57 2.36 23.33 -12.90
CA VAL G 57 1.52 22.41 -12.14
C VAL G 57 1.08 23.14 -10.89
N ASP G 58 -0.21 23.09 -10.61
CA ASP G 58 -0.76 23.71 -9.44
C ASP G 58 -1.91 22.85 -8.92
N PRO G 59 -1.96 22.60 -7.60
CA PRO G 59 -0.93 22.97 -6.63
C PRO G 59 0.39 22.19 -6.77
N PRO G 60 1.51 22.81 -6.39
CA PRO G 60 2.83 22.22 -6.66
C PRO G 60 3.06 20.88 -6.00
N GLU G 61 2.46 20.61 -4.84
CA GLU G 61 2.64 19.34 -4.14
C GLU G 61 2.25 18.13 -4.97
N ILE G 62 1.60 18.32 -6.12
CA ILE G 62 1.28 17.19 -6.99
C ILE G 62 2.56 16.54 -7.54
N VAL G 63 3.51 17.34 -8.02
CA VAL G 63 4.72 16.83 -8.66
C VAL G 63 5.99 17.18 -7.91
N ALA G 64 5.90 17.91 -6.80
CA ALA G 64 7.09 18.42 -6.13
C ALA G 64 8.05 17.33 -5.65
N HIS G 65 7.57 16.11 -5.44
CA HIS G 65 8.49 15.05 -5.03
C HIS G 65 9.32 14.48 -6.18
N LEU G 66 8.84 14.58 -7.43
CA LEU G 66 9.54 13.91 -8.54
C LEU G 66 11.00 14.32 -8.68
N PRO G 67 11.36 15.61 -8.71
CA PRO G 67 12.78 15.94 -8.91
C PRO G 67 13.72 15.27 -7.92
N LEU G 68 13.35 15.26 -6.64
CA LEU G 68 14.27 14.71 -5.65
C LEU G 68 14.35 13.20 -5.77
N LEU G 69 13.19 12.58 -5.98
CA LEU G 69 13.14 11.14 -6.24
C LEU G 69 13.97 10.76 -7.46
N CYS G 70 13.87 11.53 -8.54
CA CYS G 70 14.68 11.23 -9.72
C CYS G 70 16.17 11.32 -9.42
N GLU G 71 16.58 12.30 -8.63
CA GLU G 71 18.00 12.34 -8.23
C GLU G 71 18.39 11.12 -7.38
N GLU G 72 17.53 10.71 -6.42
CA GLU G 72 17.95 9.57 -5.60
C GLU G 72 18.21 8.33 -6.45
N LYS G 73 17.45 8.11 -7.53
CA LYS G 73 17.70 6.96 -8.41
C LYS G 73 18.59 7.31 -9.59
N ASN G 74 19.15 8.52 -9.63
CA ASN G 74 19.99 8.98 -10.73
C ASN G 74 19.26 8.84 -12.07
N VAL G 75 18.07 9.43 -12.13
CA VAL G 75 17.21 9.34 -13.30
C VAL G 75 17.09 10.78 -13.83
N PRO G 76 17.47 11.02 -15.09
CA PRO G 76 17.38 12.37 -15.66
C PRO G 76 15.94 12.84 -15.87
N TYR G 77 15.70 14.12 -15.55
CA TYR G 77 14.41 14.74 -15.77
C TYR G 77 14.58 16.10 -16.43
N ILE G 78 13.58 16.50 -17.21
CA ILE G 78 13.57 17.77 -17.94
C ILE G 78 12.26 18.52 -17.70
N TYR G 79 12.30 19.86 -17.79
CA TYR G 79 11.08 20.68 -17.62
C TYR G 79 10.53 21.12 -18.97
N VAL G 80 9.19 21.16 -19.04
CA VAL G 80 8.39 21.64 -20.17
C VAL G 80 7.32 22.62 -19.70
N LYS G 81 7.00 23.59 -20.57
CA LYS G 81 6.16 24.74 -20.23
C LYS G 81 4.84 24.39 -19.54
N SER G 82 3.97 23.66 -20.24
CA SER G 82 2.57 23.49 -19.88
C SER G 82 2.11 22.05 -19.77
N LYS G 83 1.19 21.78 -18.82
CA LYS G 83 0.67 20.44 -18.73
C LYS G 83 -0.15 20.15 -19.97
N ASN G 84 -0.60 21.23 -20.62
CA ASN G 84 -1.32 21.16 -21.89
C ASN G 84 -0.44 20.68 -23.03
N ASP G 85 0.72 21.33 -23.21
CA ASP G 85 1.67 20.87 -24.24
C ASP G 85 2.07 19.42 -24.00
N LEU G 86 2.38 19.08 -22.75
CA LEU G 86 2.78 17.71 -22.44
C LEU G 86 1.64 16.74 -22.73
N GLY G 87 0.41 17.13 -22.37
CA GLY G 87 -0.75 16.29 -22.64
C GLY G 87 -0.99 16.06 -24.12
N ARG G 88 -0.83 17.11 -24.93
CA ARG G 88 -0.96 16.96 -26.38
C ARG G 88 0.14 16.06 -26.94
N ALA G 89 1.37 16.27 -26.48
CA ALA G 89 2.52 15.51 -26.95
C ALA G 89 2.44 14.04 -26.57
N VAL G 90 1.93 13.72 -25.38
CA VAL G 90 1.76 12.32 -25.00
C VAL G 90 0.48 11.70 -25.54
N GLY G 91 -0.35 12.47 -26.23
CA GLY G 91 -1.49 11.92 -26.95
C GLY G 91 -2.64 11.45 -26.10
N ILE G 92 -2.93 12.15 -25.00
CA ILE G 92 -4.17 11.97 -24.25
C ILE G 92 -5.06 13.18 -24.51
N GLU G 93 -6.27 13.17 -23.96
CA GLU G 93 -7.26 14.19 -24.31
C GLU G 93 -7.40 15.27 -23.22
N VAL G 94 -6.56 15.22 -22.18
CA VAL G 94 -6.57 16.16 -21.05
C VAL G 94 -5.14 16.57 -20.72
N PRO G 95 -4.91 17.62 -19.91
CA PRO G 95 -3.53 17.96 -19.53
C PRO G 95 -2.87 16.85 -18.73
N CYS G 96 -1.54 16.94 -18.64
CA CYS G 96 -0.74 15.89 -18.01
C CYS G 96 0.47 16.52 -17.33
N ALA G 97 0.59 16.32 -16.01
CA ALA G 97 1.59 17.03 -15.22
C ALA G 97 3.01 16.47 -15.37
N SER G 98 3.15 15.18 -15.69
CA SER G 98 4.48 14.58 -15.82
C SER G 98 4.35 13.26 -16.57
N ALA G 99 5.45 12.84 -17.19
CA ALA G 99 5.46 11.62 -17.98
C ALA G 99 6.85 11.01 -17.96
N ALA G 100 7.01 9.87 -18.63
CA ALA G 100 8.32 9.25 -18.68
C ALA G 100 8.45 8.33 -19.89
N ILE G 101 9.64 8.36 -20.50
CA ILE G 101 10.03 7.33 -21.46
C ILE G 101 10.67 6.21 -20.65
N ILE G 102 10.10 5.01 -20.81
CA ILE G 102 10.54 3.78 -20.15
C ILE G 102 11.31 2.92 -21.14
N ASN G 103 10.92 2.99 -22.41
CA ASN G 103 11.58 2.23 -23.45
C ASN G 103 11.74 3.13 -24.65
N GLU G 104 13.00 3.23 -25.07
CA GLU G 104 13.57 4.13 -26.06
C GLU G 104 13.31 3.72 -27.51
N GLY G 105 12.76 2.54 -27.73
CA GLY G 105 12.53 2.06 -29.08
C GLY G 105 13.76 2.03 -29.96
N GLU G 106 13.68 2.70 -31.10
CA GLU G 106 14.75 2.74 -32.10
C GLU G 106 15.77 3.87 -31.95
N LEU G 107 15.72 4.67 -30.88
CA LEU G 107 16.57 5.86 -30.82
C LEU G 107 17.74 5.95 -29.83
N ARG G 108 18.74 5.06 -29.86
CA ARG G 108 19.78 5.06 -28.82
CA ARG G 108 19.77 5.06 -28.83
C ARG G 108 20.57 6.36 -28.82
N LYS G 109 21.51 6.50 -29.76
CA LYS G 109 22.49 7.60 -29.72
C LYS G 109 21.83 8.97 -29.54
N GLU G 110 20.74 9.23 -30.26
CA GLU G 110 20.08 10.54 -30.17
C GLU G 110 19.52 10.78 -28.77
N LEU G 111 18.89 9.76 -28.17
CA LEU G 111 18.37 9.90 -26.82
C LEU G 111 19.51 10.17 -25.86
N GLY G 112 20.61 9.44 -26.04
CA GLY G 112 21.74 9.61 -25.15
C GLY G 112 22.26 11.04 -25.20
N SER G 113 22.40 11.59 -26.41
CA SER G 113 22.86 12.97 -26.56
C SER G 113 21.91 13.94 -25.87
N LEU G 114 20.59 13.78 -26.08
CA LEU G 114 19.63 14.66 -25.39
C LEU G 114 19.86 14.61 -23.88
N VAL G 115 20.00 13.40 -23.34
CA VAL G 115 20.18 13.23 -21.91
C VAL G 115 21.49 13.89 -21.50
N GLU G 116 22.49 13.86 -22.38
CA GLU G 116 23.72 14.59 -22.10
C GLU G 116 23.41 16.07 -21.96
N LYS G 117 22.49 16.63 -22.77
CA LYS G 117 22.25 18.05 -22.60
C LYS G 117 21.55 18.31 -21.26
N ILE G 118 20.63 17.41 -20.83
CA ILE G 118 20.06 17.59 -19.48
C ILE G 118 21.17 17.57 -18.43
N LYS G 119 22.05 16.57 -18.47
CA LYS G 119 23.18 16.55 -17.54
C LYS G 119 24.05 17.79 -17.66
N GLY G 120 24.12 18.39 -18.84
CA GLY G 120 24.95 19.57 -19.05
C GLY G 120 24.57 20.77 -18.21
N LEU G 121 23.32 20.85 -17.76
CA LEU G 121 22.92 21.95 -16.90
C LEU G 121 23.48 21.66 -15.51
N SER H 5 -33.77 -20.53 -8.88
CA SER H 5 -33.47 -20.09 -7.53
C SER H 5 -32.27 -20.85 -6.96
N TYR H 6 -31.50 -20.17 -6.12
CA TYR H 6 -30.34 -20.69 -5.42
C TYR H 6 -30.63 -21.53 -4.18
N VAL H 7 -31.88 -21.57 -3.70
CA VAL H 7 -32.25 -22.37 -2.54
C VAL H 7 -32.41 -23.86 -2.88
N ARG H 8 -31.48 -24.69 -2.42
CA ARG H 8 -31.44 -26.10 -2.80
C ARG H 8 -32.31 -26.98 -1.92
N PHE H 9 -32.64 -26.56 -0.70
CA PHE H 9 -33.49 -27.38 0.17
C PHE H 9 -34.24 -26.46 1.13
N GLU H 10 -35.29 -27.01 1.73
CA GLU H 10 -36.15 -26.29 2.66
C GLU H 10 -35.66 -26.49 4.08
N VAL H 11 -35.56 -25.41 4.84
CA VAL H 11 -35.06 -25.47 6.21
C VAL H 11 -36.17 -25.12 7.20
N PRO H 12 -36.48 -26.00 8.15
CA PRO H 12 -37.51 -25.69 9.15
C PRO H 12 -37.17 -24.40 9.89
N GLU H 13 -38.20 -23.65 10.24
CA GLU H 13 -38.02 -22.34 10.87
C GLU H 13 -37.24 -22.43 12.19
N ASP H 14 -37.61 -23.37 13.07
CA ASP H 14 -36.90 -23.53 14.34
C ASP H 14 -35.42 -23.84 14.16
N MET H 15 -35.07 -24.56 13.10
CA MET H 15 -33.66 -24.81 12.81
C MET H 15 -32.99 -23.53 12.34
N GLN H 16 -33.73 -22.67 11.65
CA GLN H 16 -33.20 -21.38 11.23
C GLN H 16 -32.88 -20.51 12.44
N ASN H 17 -33.83 -20.44 13.38
CA ASN H 17 -33.62 -19.69 14.62
C ASN H 17 -32.43 -20.23 15.41
N GLU H 18 -32.33 -21.55 15.56
CA GLU H 18 -31.14 -22.10 16.21
C GLU H 18 -29.86 -21.58 15.55
N ALA H 19 -29.82 -21.61 14.20
CA ALA H 19 -28.63 -21.13 13.49
C ALA H 19 -28.32 -19.65 13.76
N LEU H 20 -29.36 -18.79 13.75
CA LEU H 20 -29.09 -17.36 13.93
C LEU H 20 -28.68 -17.05 15.37
N SER H 21 -29.31 -17.72 16.33
CA SER H 21 -28.92 -17.58 17.72
C SER H 21 -27.45 -17.96 17.89
N LEU H 22 -27.04 -19.09 17.31
CA LEU H 22 -25.65 -19.48 17.44
C LEU H 22 -24.74 -18.39 16.90
N LEU H 23 -25.04 -17.79 15.73
CA LEU H 23 -24.13 -16.74 15.26
C LEU H 23 -24.08 -15.57 16.25
N GLU H 24 -25.24 -15.09 16.76
CA GLU H 24 -25.14 -14.08 17.83
C GLU H 24 -24.11 -14.50 18.88
N LYS H 25 -24.20 -15.73 19.41
CA LYS H 25 -23.23 -16.08 20.44
C LYS H 25 -21.79 -16.12 19.92
N VAL H 26 -21.58 -16.56 18.68
CA VAL H 26 -20.22 -16.60 18.14
C VAL H 26 -19.59 -15.21 17.98
N ARG H 27 -20.34 -14.20 17.51
CA ARG H 27 -19.76 -12.86 17.41
C ARG H 27 -19.04 -12.35 18.67
N GLU H 28 -19.45 -12.77 19.88
CA GLU H 28 -18.77 -12.24 21.05
C GLU H 28 -17.37 -12.80 21.25
N SER H 29 -17.17 -14.10 20.99
CA SER H 29 -15.89 -14.72 21.29
C SER H 29 -15.20 -15.45 20.14
N GLY H 30 -15.76 -15.43 18.94
CA GLY H 30 -15.16 -16.18 17.86
C GLY H 30 -14.84 -15.28 16.70
N LYS H 31 -14.79 -15.80 15.48
CA LYS H 31 -14.52 -14.95 14.33
C LYS H 31 -15.51 -15.26 13.23
N VAL H 32 -16.04 -14.19 12.64
CA VAL H 32 -17.08 -14.21 11.64
C VAL H 32 -16.67 -13.31 10.48
N LYS H 33 -16.94 -13.76 9.26
CA LYS H 33 -16.82 -12.95 8.06
C LYS H 33 -18.22 -12.47 7.72
N LYS H 34 -18.31 -11.22 7.26
CA LYS H 34 -19.58 -10.55 7.06
C LYS H 34 -19.53 -9.89 5.68
N GLY H 35 -20.46 -10.26 4.83
CA GLY H 35 -20.58 -9.80 3.46
C GLY H 35 -20.24 -10.93 2.50
N THR H 36 -20.88 -10.91 1.33
CA THR H 36 -20.79 -12.08 0.46
C THR H 36 -19.38 -12.27 -0.09
N ASN H 37 -18.71 -11.18 -0.44
CA ASN H 37 -17.36 -11.30 -1.00
C ASN H 37 -16.40 -11.95 -0.01
N GLU H 38 -16.35 -11.44 1.23
CA GLU H 38 -15.45 -12.03 2.22
C GLU H 38 -15.81 -13.47 2.55
N THR H 39 -17.09 -13.77 2.74
CA THR H 39 -17.47 -15.15 3.10
C THR H 39 -17.09 -16.13 1.99
N THR H 40 -17.49 -15.86 0.74
CA THR H 40 -17.16 -16.78 -0.33
C THR H 40 -15.64 -16.96 -0.41
N LYS H 41 -14.91 -15.85 -0.33
CA LYS H 41 -13.46 -15.92 -0.38
C LYS H 41 -12.95 -16.79 0.77
N ALA H 42 -13.49 -16.57 1.97
CA ALA H 42 -13.16 -17.36 3.15
C ALA H 42 -13.43 -18.85 2.91
N VAL H 43 -14.51 -19.18 2.21
CA VAL H 43 -14.82 -20.58 1.93
C VAL H 43 -13.75 -21.17 1.01
N GLU H 44 -13.41 -20.46 -0.06
CA GLU H 44 -12.39 -20.94 -1.00
C GLU H 44 -11.06 -21.17 -0.31
N ARG H 45 -10.78 -20.42 0.76
CA ARG H 45 -9.52 -20.51 1.48
C ARG H 45 -9.49 -21.65 2.49
N GLY H 46 -10.62 -22.32 2.70
CA GLY H 46 -10.78 -23.42 3.62
C GLY H 46 -11.07 -23.04 5.05
N LEU H 47 -11.55 -21.82 5.29
CA LEU H 47 -11.67 -21.34 6.66
C LEU H 47 -13.08 -21.41 7.20
N ALA H 48 -14.08 -21.49 6.33
CA ALA H 48 -15.46 -21.39 6.80
C ALA H 48 -15.86 -22.66 7.51
N LYS H 49 -16.39 -22.51 8.72
CA LYS H 49 -16.95 -23.64 9.45
C LYS H 49 -18.44 -23.78 9.17
N LEU H 50 -19.16 -22.67 9.06
CA LEU H 50 -20.57 -22.74 8.70
C LEU H 50 -20.93 -21.43 8.02
N VAL H 51 -21.56 -21.51 6.84
CA VAL H 51 -21.97 -20.30 6.12
C VAL H 51 -23.48 -20.12 6.16
N TYR H 52 -23.88 -18.85 6.15
CA TYR H 52 -25.26 -18.41 6.21
C TYR H 52 -25.62 -17.72 4.90
N ILE H 53 -26.77 -18.06 4.30
CA ILE H 53 -27.24 -17.44 3.07
C ILE H 53 -28.68 -16.96 3.26
N ALA H 54 -28.90 -15.66 3.13
CA ALA H 54 -30.25 -15.09 3.21
C ALA H 54 -31.11 -15.49 2.02
N GLU H 55 -32.43 -15.60 2.27
CA GLU H 55 -33.32 -16.03 1.20
C GLU H 55 -33.95 -14.89 0.40
N ASP H 56 -33.98 -13.66 0.90
CA ASP H 56 -34.67 -12.60 0.16
C ASP H 56 -33.67 -11.68 -0.53
N VAL H 57 -32.61 -12.26 -1.06
CA VAL H 57 -31.55 -11.48 -1.69
C VAL H 57 -31.90 -11.32 -3.15
N ASP H 58 -31.79 -10.10 -3.64
CA ASP H 58 -32.07 -9.80 -5.01
C ASP H 58 -31.05 -8.74 -5.38
N PRO H 59 -30.42 -8.89 -6.55
CA PRO H 59 -30.49 -10.02 -7.49
C PRO H 59 -29.84 -11.36 -7.06
N PRO H 60 -30.40 -12.47 -7.55
CA PRO H 60 -29.95 -13.81 -7.06
C PRO H 60 -28.49 -14.12 -7.36
N GLU H 61 -27.92 -13.56 -8.44
CA GLU H 61 -26.52 -13.81 -8.82
C GLU H 61 -25.53 -13.43 -7.73
N ILE H 62 -25.98 -12.74 -6.68
CA ILE H 62 -25.11 -12.41 -5.56
C ILE H 62 -24.65 -13.67 -4.85
N VAL H 63 -25.57 -14.60 -4.57
CA VAL H 63 -25.27 -15.79 -3.80
C VAL H 63 -25.45 -17.08 -4.58
N ALA H 64 -25.86 -17.00 -5.85
CA ALA H 64 -26.19 -18.22 -6.57
C ALA H 64 -25.01 -19.17 -6.69
N HIS H 65 -23.77 -18.68 -6.57
CA HIS H 65 -22.62 -19.59 -6.62
C HIS H 65 -22.38 -20.30 -5.29
N LEU H 66 -22.85 -19.72 -4.18
CA LEU H 66 -22.50 -20.24 -2.86
C LEU H 66 -22.85 -21.70 -2.63
N PRO H 67 -24.08 -22.17 -2.88
CA PRO H 67 -24.37 -23.58 -2.57
C PRO H 67 -23.42 -24.58 -3.22
N LEU H 68 -23.12 -24.41 -4.51
CA LEU H 68 -22.30 -25.41 -5.21
C LEU H 68 -20.85 -25.32 -4.77
N LEU H 69 -20.34 -24.11 -4.62
CA LEU H 69 -19.00 -23.92 -4.09
C LEU H 69 -18.88 -24.56 -2.71
N CYS H 70 -19.88 -24.36 -1.84
CA CYS H 70 -19.85 -25.00 -0.53
C CYS H 70 -19.85 -26.52 -0.64
N GLU H 71 -20.62 -27.09 -1.58
CA GLU H 71 -20.56 -28.55 -1.75
C GLU H 71 -19.19 -29.02 -2.19
N GLU H 72 -18.58 -28.32 -3.14
CA GLU H 72 -17.28 -28.73 -3.62
C GLU H 72 -16.24 -28.76 -2.49
N LYS H 73 -16.35 -27.85 -1.51
CA LYS H 73 -15.42 -27.84 -0.40
C LYS H 73 -15.92 -28.65 0.81
N ASN H 74 -17.07 -29.34 0.70
CA ASN H 74 -17.64 -30.11 1.82
C ASN H 74 -17.79 -29.25 3.08
N VAL H 75 -18.47 -28.12 2.94
CA VAL H 75 -18.66 -27.14 4.01
C VAL H 75 -20.18 -27.03 4.26
N PRO H 76 -20.64 -27.26 5.49
CA PRO H 76 -22.09 -27.16 5.77
C PRO H 76 -22.62 -25.74 5.65
N TYR H 77 -23.81 -25.62 5.07
CA TYR H 77 -24.49 -24.35 4.91
C TYR H 77 -25.96 -24.45 5.30
N ILE H 78 -26.50 -23.31 5.77
CA ILE H 78 -27.89 -23.16 6.18
C ILE H 78 -28.47 -21.93 5.51
N TYR H 79 -29.78 -21.95 5.27
CA TYR H 79 -30.50 -20.85 4.67
C TYR H 79 -31.25 -20.08 5.76
N VAL H 80 -31.31 -18.76 5.62
CA VAL H 80 -32.11 -17.95 6.53
C VAL H 80 -33.00 -17.00 5.76
N LYS H 81 -34.19 -16.75 6.31
CA LYS H 81 -35.24 -16.01 5.64
C LYS H 81 -34.80 -14.65 5.08
N SER H 82 -34.36 -13.71 5.91
CA SER H 82 -34.19 -12.35 5.44
C SER H 82 -32.78 -11.82 5.68
N LYS H 83 -32.24 -11.05 4.73
CA LYS H 83 -30.91 -10.48 4.92
C LYS H 83 -30.89 -9.41 6.02
N ASN H 84 -32.05 -8.84 6.35
CA ASN H 84 -32.13 -7.89 7.46
C ASN H 84 -31.82 -8.59 8.79
N ASP H 85 -32.50 -9.71 9.04
CA ASP H 85 -32.25 -10.52 10.23
C ASP H 85 -30.80 -10.98 10.32
N LEU H 86 -30.25 -11.45 9.21
CA LEU H 86 -28.86 -11.90 9.21
C LEU H 86 -27.93 -10.73 9.54
N GLY H 87 -28.25 -9.55 8.99
CA GLY H 87 -27.45 -8.38 9.29
C GLY H 87 -27.45 -8.02 10.77
N ARG H 88 -28.61 -8.12 11.42
CA ARG H 88 -28.60 -7.87 12.86
C ARG H 88 -27.77 -8.93 13.60
N ALA H 89 -27.91 -10.19 13.19
CA ALA H 89 -27.19 -11.28 13.86
C ALA H 89 -25.66 -11.18 13.70
N VAL H 90 -25.17 -10.74 12.54
CA VAL H 90 -23.71 -10.56 12.40
C VAL H 90 -23.24 -9.23 12.93
N GLY H 91 -24.13 -8.37 13.39
CA GLY H 91 -23.81 -7.15 14.10
C GLY H 91 -23.23 -6.03 13.28
N ILE H 92 -23.69 -5.88 12.03
CA ILE H 92 -23.42 -4.68 11.24
C ILE H 92 -24.73 -3.88 11.13
N GLU H 93 -24.70 -2.72 10.49
CA GLU H 93 -25.84 -1.80 10.52
C GLU H 93 -26.72 -1.78 9.27
N VAL H 94 -26.47 -2.67 8.31
CA VAL H 94 -27.23 -2.71 7.05
C VAL H 94 -27.57 -4.17 6.76
N PRO H 95 -28.46 -4.49 5.81
CA PRO H 95 -28.71 -5.90 5.53
C PRO H 95 -27.44 -6.57 4.99
N CYS H 96 -27.43 -7.91 5.01
CA CYS H 96 -26.22 -8.66 4.64
C CYS H 96 -26.66 -9.96 3.98
N ALA H 97 -26.24 -10.21 2.74
CA ALA H 97 -26.80 -11.34 2.00
C ALA H 97 -26.21 -12.68 2.47
N SER H 98 -24.99 -12.70 3.01
CA SER H 98 -24.42 -13.97 3.44
C SER H 98 -23.26 -13.70 4.38
N ALA H 99 -22.95 -14.68 5.22
CA ALA H 99 -21.88 -14.55 6.20
C ALA H 99 -21.32 -15.93 6.50
N ALA H 100 -20.30 -16.00 7.36
CA ALA H 100 -19.79 -17.31 7.73
C ALA H 100 -19.06 -17.22 9.06
N ILE H 101 -19.24 -18.24 9.90
CA ILE H 101 -18.39 -18.42 11.07
C ILE H 101 -17.18 -19.28 10.69
N ILE H 102 -15.99 -18.73 10.96
CA ILE H 102 -14.69 -19.34 10.71
C ILE H 102 -14.09 -19.89 12.01
N ASN H 103 -14.38 -19.24 13.14
CA ASN H 103 -13.84 -19.69 14.42
C ASN H 103 -14.94 -19.63 15.48
N GLU H 104 -15.15 -20.77 16.15
CA GLU H 104 -16.23 -21.12 17.08
C GLU H 104 -16.09 -20.59 18.50
N GLY H 105 -14.96 -20.01 18.86
CA GLY H 105 -14.72 -19.54 20.22
C GLY H 105 -14.92 -20.68 21.23
N GLU H 106 -15.77 -20.50 22.24
CA GLU H 106 -15.98 -21.53 23.26
C GLU H 106 -17.14 -22.49 22.94
N LEU H 107 -17.74 -22.41 21.77
CA LEU H 107 -18.97 -23.15 21.48
C LEU H 107 -18.84 -24.31 20.48
N ARG H 108 -18.16 -25.40 20.85
CA ARG H 108 -17.97 -26.51 19.91
CA ARG H 108 -17.98 -26.50 19.90
C ARG H 108 -19.19 -27.42 19.85
N LYS H 109 -19.81 -27.69 21.01
CA LYS H 109 -20.83 -28.73 21.08
C LYS H 109 -22.13 -28.29 20.40
N GLU H 110 -22.57 -27.06 20.65
CA GLU H 110 -23.82 -26.59 20.05
C GLU H 110 -23.70 -26.52 18.55
N LEU H 111 -22.55 -26.03 18.06
CA LEU H 111 -22.33 -25.97 16.62
C LEU H 111 -22.36 -27.37 16.04
N GLY H 112 -21.72 -28.33 16.70
CA GLY H 112 -21.74 -29.66 16.13
C GLY H 112 -23.14 -30.21 15.98
N SER H 113 -23.95 -30.08 17.04
CA SER H 113 -25.34 -30.59 16.95
C SER H 113 -26.17 -29.88 15.88
N LEU H 114 -26.14 -28.53 15.81
CA LEU H 114 -26.90 -27.86 14.74
C LEU H 114 -26.48 -28.34 13.36
N VAL H 115 -25.17 -28.41 13.12
CA VAL H 115 -24.72 -28.82 11.78
C VAL H 115 -25.12 -30.26 11.47
N GLU H 116 -25.13 -31.14 12.48
CA GLU H 116 -25.63 -32.48 12.23
C GLU H 116 -27.09 -32.43 11.80
N LYS H 117 -27.86 -31.52 12.40
CA LYS H 117 -29.26 -31.42 12.08
C LYS H 117 -29.44 -30.89 10.65
N ILE H 118 -28.60 -29.95 10.23
CA ILE H 118 -28.63 -29.51 8.84
C ILE H 118 -28.37 -30.65 7.86
N LYS H 119 -27.27 -31.42 8.05
CA LYS H 119 -27.11 -32.56 7.13
C LYS H 119 -28.27 -33.55 7.17
N GLY H 120 -28.93 -33.71 8.31
CA GLY H 120 -30.04 -34.67 8.37
C GLY H 120 -31.17 -34.35 7.41
N LEU H 121 -31.30 -33.08 7.03
CA LEU H 121 -32.31 -32.64 6.09
C LEU H 121 -31.92 -32.99 4.64
#